data_9KPO
#
_entry.id   9KPO
#
_entity_poly.entity_id   1
_entity_poly.type   'polyribonucleotide'
_entity_poly.pdbx_seq_one_letter_code
;AAAAAACUUACUAUUAUAUUUGUAACAAAUUUUAUACAUAAGAUAAAUUCGUAUGUAUAGCCGUUCUGCUCGAAACGGUA
UAGCACCGUAAUGGUGGUAUUAUGAAUUGUAGCAAGGUGCGAGGCUACCUUUAAAAGUCUUGGAGGUGCUCUGAGUGGGU
ACUUUAUUAGGGUUAUAAUUUAGAAAGUAAGCUAAAACUCUAGGUGUUGGGCAGGGCUAACACUGGCAUAUAAUUAAAUA
UGCGAUAAAGUAAGU
;
_entity_poly.pdbx_strand_id   B,A
#
loop_
_chem_comp.id
_chem_comp.type
_chem_comp.name
_chem_comp.formula
A RNA linking ADENOSINE-5'-MONOPHOSPHATE 'C10 H14 N5 O7 P'
C RNA linking CYTIDINE-5'-MONOPHOSPHATE 'C9 H14 N3 O8 P'
G RNA linking GUANOSINE-5'-MONOPHOSPHATE 'C10 H14 N5 O8 P'
U RNA linking URIDINE-5'-MONOPHOSPHATE 'C9 H13 N2 O9 P'
#